data_3LEA
#
_entry.id   3LEA
#
_cell.length_a   102.481
_cell.length_b   112.540
_cell.length_c   51.272
_cell.angle_alpha   90.00
_cell.angle_beta   90.00
_cell.angle_gamma   90.00
#
_symmetry.space_group_name_H-M   'P 21 21 2'
#
loop_
_entity.id
_entity.type
_entity.pdbx_description
1 polymer 'Disintegrin and metalloproteinase domain-containing protein 17'
2 non-polymer 2-{[(4R)-2,5-dioxo-4-(4-pyridin-3-ylphenyl)imidazolidin-4-yl]methyl}-6-methoxy-1-oxo-1H-isoindolium
3 non-polymer 'ZINC ION'
4 non-polymer 'ISOPROPYL ALCOHOL'
5 water water
#
_entity_poly.entity_id   1
_entity_poly.type   'polypeptide(L)'
_entity_poly.pdbx_seq_one_letter_code
;RADPDPMKNTCKLLVVADHRFYRYMGRGEESTTTNYLIELIDRVDDIYRNTAWDNAGFKGYGIQIEQIRILKSPQEVKPG
EKHYNMAKSYPNEEKDAWDVKMLLEQFSFDIAEEASKVCLAHLFTYQDFDMGTLGLAYGGSPRANSHGGVCPKAYYSPVG
KKNIYLNSGLTSTKNYGKTILTKEADLVTTHELGHNFGAEHDPDGLAECAPNEDQGGKYVMYPIAVSGDHENNKMFSQCS
KQSIYKTIESKAQECFQERSNKGSHHHHHH
;
_entity_poly.pdbx_strand_id   A,B
#
loop_
_chem_comp.id
_chem_comp.type
_chem_comp.name
_chem_comp.formula
IPA non-polymer 'ISOPROPYL ALCOHOL' 'C3 H8 O'
Z93 non-polymer 2-{[(4R)-2,5-dioxo-4-(4-pyridin-3-ylphenyl)imidazolidin-4-yl]methyl}-6-methoxy-1-oxo-1H-isoindolium 'C24 H19 N4 O4 1'
ZN non-polymer 'ZINC ION' 'Zn 2'
#
# COMPACT_ATOMS: atom_id res chain seq x y z
N ASP A 3 25.18 -39.34 -2.73
CA ASP A 3 25.29 -37.91 -2.98
C ASP A 3 23.93 -37.21 -2.86
N PRO A 4 23.79 -36.17 -2.00
CA PRO A 4 22.49 -35.50 -1.87
C PRO A 4 22.08 -34.80 -3.17
N ASP A 5 20.77 -34.80 -3.46
CA ASP A 5 20.18 -34.17 -4.66
C ASP A 5 20.50 -32.67 -4.68
N PRO A 6 20.76 -32.08 -5.87
CA PRO A 6 21.08 -30.64 -5.90
C PRO A 6 19.85 -29.78 -5.62
N MET A 7 20.03 -28.74 -4.79
CA MET A 7 18.94 -27.83 -4.43
C MET A 7 19.28 -26.44 -4.95
N LYS A 8 18.54 -26.00 -5.97
CA LYS A 8 18.66 -24.67 -6.57
C LYS A 8 17.82 -23.79 -5.65
N ASN A 9 18.41 -23.36 -4.53
CA ASN A 9 17.70 -22.60 -3.52
C ASN A 9 18.32 -21.24 -3.18
N THR A 10 19.37 -20.82 -3.91
CA THR A 10 20.07 -19.56 -3.61
C THR A 10 20.01 -18.54 -4.74
N CYS A 11 19.54 -17.34 -4.42
CA CYS A 11 19.51 -16.25 -5.38
C CYS A 11 20.89 -15.56 -5.28
N LYS A 12 21.75 -15.74 -6.29
CA LYS A 12 23.12 -15.18 -6.32
C LYS A 12 23.07 -13.71 -6.69
N LEU A 13 23.84 -12.90 -5.97
CA LEU A 13 23.79 -11.45 -6.19
C LEU A 13 25.04 -10.86 -6.73
N LEU A 14 24.86 -9.84 -7.57
CA LEU A 14 25.94 -8.94 -7.98
C LEU A 14 25.68 -7.74 -7.07
N VAL A 15 26.65 -7.42 -6.23
CA VAL A 15 26.54 -6.25 -5.33
C VAL A 15 27.46 -5.15 -5.86
N VAL A 16 26.92 -3.95 -6.05
CA VAL A 16 27.71 -2.82 -6.54
C VAL A 16 27.72 -1.70 -5.48
N ALA A 17 28.90 -1.17 -5.15
CA ALA A 17 29.03 -0.04 -4.25
C ALA A 17 29.58 1.11 -5.10
N ASP A 18 28.77 2.17 -5.27
CA ASP A 18 29.16 3.30 -6.11
C ASP A 18 30.23 4.17 -5.38
N HIS A 19 30.71 5.25 -6.02
CA HIS A 19 31.74 6.13 -5.44
C HIS A 19 31.31 6.80 -4.13
N ARG A 20 29.99 7.09 -3.98
CA ARG A 20 29.36 7.72 -2.80
C ARG A 20 29.45 6.77 -1.60
N PHE A 21 29.03 5.50 -1.80
CA PHE A 21 29.14 4.45 -0.77
C PHE A 21 30.63 4.26 -0.38
N TYR A 22 31.52 4.09 -1.37
CA TYR A 22 32.95 3.90 -1.15
C TYR A 22 33.56 4.99 -0.26
N ARG A 23 33.22 6.25 -0.52
CA ARG A 23 33.74 7.39 0.25
C ARG A 23 33.11 7.53 1.64
N TYR A 24 31.78 7.58 1.71
CA TYR A 24 31.09 7.82 2.97
C TYR A 24 30.82 6.63 3.87
N MET A 25 30.83 5.41 3.33
CA MET A 25 30.59 4.21 4.13
C MET A 25 31.86 3.38 4.28
N GLY A 26 32.55 3.20 3.17
CA GLY A 26 33.79 2.43 3.12
C GLY A 26 35.03 3.20 3.53
N ARG A 27 34.89 4.49 3.93
CA ARG A 27 36.00 5.37 4.35
C ARG A 27 37.15 5.41 3.30
N GLY A 28 36.79 5.27 2.02
CA GLY A 28 37.72 5.23 0.90
C GLY A 28 38.61 3.99 0.87
N GLU A 29 38.12 2.87 1.41
CA GLU A 29 38.91 1.64 1.48
C GLU A 29 38.13 0.45 0.96
N GLU A 30 38.79 -0.40 0.17
CA GLU A 30 38.23 -1.60 -0.41
C GLU A 30 37.80 -2.62 0.67
N SER A 31 38.70 -2.91 1.66
CA SER A 31 38.44 -3.85 2.75
C SER A 31 37.22 -3.43 3.60
N THR A 32 37.16 -2.15 4.03
CA THR A 32 36.05 -1.60 4.79
C THR A 32 34.73 -1.71 4.00
N THR A 33 34.77 -1.42 2.68
CA THR A 33 33.58 -1.48 1.81
C THR A 33 33.10 -2.91 1.73
N THR A 34 34.01 -3.82 1.39
CA THR A 34 33.75 -5.24 1.24
C THR A 34 33.16 -5.85 2.50
N ASN A 35 33.80 -5.59 3.67
CA ASN A 35 33.36 -6.16 4.93
C ASN A 35 31.94 -5.76 5.31
N TYR A 36 31.59 -4.49 5.11
CA TYR A 36 30.26 -3.97 5.43
C TYR A 36 29.20 -4.71 4.62
N LEU A 37 29.44 -4.88 3.30
CA LEU A 37 28.51 -5.53 2.37
C LEU A 37 28.37 -7.04 2.59
N ILE A 38 29.49 -7.73 2.85
CA ILE A 38 29.51 -9.18 3.12
C ILE A 38 28.69 -9.47 4.41
N GLU A 39 28.96 -8.71 5.49
CA GLU A 39 28.22 -8.88 6.77
C GLU A 39 26.74 -8.56 6.62
N LEU A 40 26.42 -7.47 5.88
CA LEU A 40 25.03 -7.06 5.65
C LEU A 40 24.27 -8.16 4.88
N ILE A 41 24.84 -8.64 3.75
CA ILE A 41 24.16 -9.69 2.98
C ILE A 41 23.91 -10.97 3.80
N ASP A 42 24.90 -11.40 4.58
CA ASP A 42 24.80 -12.60 5.44
C ASP A 42 23.66 -12.44 6.48
N ARG A 43 23.53 -11.28 7.13
CA ARG A 43 22.47 -11.04 8.12
C ARG A 43 21.12 -11.01 7.41
N VAL A 44 21.07 -10.46 6.19
CA VAL A 44 19.82 -10.46 5.43
C VAL A 44 19.51 -11.92 5.03
N ASP A 45 20.54 -12.68 4.60
CA ASP A 45 20.39 -14.10 4.27
C ASP A 45 19.80 -14.91 5.45
N ASP A 46 20.25 -14.66 6.71
CA ASP A 46 19.68 -15.34 7.91
C ASP A 46 18.14 -15.19 7.98
N ILE A 47 17.63 -13.99 7.62
CA ILE A 47 16.20 -13.72 7.57
C ILE A 47 15.54 -14.61 6.47
N TYR A 48 16.04 -14.53 5.23
CA TYR A 48 15.48 -15.32 4.11
C TYR A 48 15.63 -16.82 4.31
N ARG A 49 16.87 -17.30 4.51
CA ARG A 49 17.21 -18.73 4.64
C ARG A 49 16.41 -19.47 5.72
N ASN A 50 16.07 -18.77 6.80
CA ASN A 50 15.29 -19.29 7.93
C ASN A 50 13.79 -19.15 7.80
N THR A 51 13.27 -18.46 6.76
CA THR A 51 11.82 -18.33 6.61
C THR A 51 11.25 -19.59 5.97
N ALA A 52 10.17 -20.13 6.55
CA ALA A 52 9.45 -21.26 6.00
C ALA A 52 8.34 -20.58 5.17
N TRP A 53 8.59 -20.43 3.86
CA TRP A 53 7.68 -19.70 2.96
C TRP A 53 6.23 -20.20 2.92
N ASP A 54 6.02 -21.52 3.12
CA ASP A 54 4.71 -22.15 3.11
C ASP A 54 4.31 -22.62 4.52
N ASN A 55 5.02 -22.12 5.54
CA ASN A 55 4.85 -22.50 6.95
C ASN A 55 5.07 -24.00 7.21
N ALA A 56 5.84 -24.66 6.32
CA ALA A 56 6.16 -26.09 6.42
C ALA A 56 7.63 -26.32 6.06
N GLY A 57 7.88 -27.08 4.99
CA GLY A 57 9.24 -27.44 4.54
C GLY A 57 9.85 -26.61 3.44
N PHE A 58 9.12 -25.60 2.94
CA PHE A 58 9.66 -24.74 1.88
C PHE A 58 10.52 -23.63 2.52
N LYS A 59 11.70 -24.05 3.02
CA LYS A 59 12.69 -23.20 3.69
C LYS A 59 14.11 -23.52 3.17
N GLY A 60 15.08 -22.69 3.55
CA GLY A 60 16.46 -22.81 3.10
C GLY A 60 16.69 -22.03 1.81
N TYR A 61 15.75 -21.13 1.44
CA TYR A 61 15.84 -20.27 0.26
C TYR A 61 16.39 -18.92 0.66
N GLY A 62 17.53 -18.56 0.11
CA GLY A 62 18.18 -17.30 0.46
C GLY A 62 18.97 -16.66 -0.64
N ILE A 63 19.96 -15.89 -0.23
CA ILE A 63 20.80 -15.08 -1.09
C ILE A 63 22.26 -15.24 -0.73
N GLN A 64 23.14 -15.08 -1.74
CA GLN A 64 24.59 -15.10 -1.55
C GLN A 64 25.22 -14.14 -2.53
N ILE A 65 26.29 -13.48 -2.11
CA ILE A 65 27.00 -12.60 -3.02
C ILE A 65 27.77 -13.47 -4.02
N GLU A 66 27.59 -13.17 -5.30
CA GLU A 66 28.33 -13.86 -6.36
C GLU A 66 29.55 -12.98 -6.66
N GLN A 67 29.33 -11.68 -6.80
CA GLN A 67 30.40 -10.73 -7.12
C GLN A 67 30.12 -9.38 -6.47
N ILE A 68 31.20 -8.69 -6.09
CA ILE A 68 31.19 -7.35 -5.54
C ILE A 68 31.96 -6.48 -6.52
N ARG A 69 31.32 -5.40 -6.99
CA ARG A 69 31.95 -4.39 -7.82
C ARG A 69 32.04 -3.13 -6.99
N ILE A 70 33.26 -2.63 -6.83
CA ILE A 70 33.51 -1.39 -6.09
C ILE A 70 33.92 -0.30 -7.06
N LEU A 71 33.17 0.78 -7.07
CA LEU A 71 33.49 1.90 -7.95
C LEU A 71 34.14 2.96 -7.06
N LYS A 72 35.47 3.01 -7.09
CA LYS A 72 36.28 3.92 -6.25
C LYS A 72 36.19 5.38 -6.63
N SER A 73 35.87 5.68 -7.90
CA SER A 73 35.83 7.06 -8.38
C SER A 73 34.54 7.37 -9.12
N PRO A 74 34.13 8.67 -9.24
CA PRO A 74 32.93 8.97 -10.04
C PRO A 74 33.14 8.58 -11.51
N GLN A 75 32.07 8.29 -12.22
CA GLN A 75 32.16 7.95 -13.63
C GLN A 75 32.29 9.26 -14.42
N GLU A 76 33.34 9.37 -15.24
CA GLU A 76 33.52 10.54 -16.09
C GLU A 76 32.46 10.45 -17.19
N VAL A 77 31.71 11.53 -17.39
CA VAL A 77 30.65 11.57 -18.41
C VAL A 77 30.83 12.78 -19.35
N LYS A 78 30.49 12.61 -20.64
CA LYS A 78 30.53 13.67 -21.64
C LYS A 78 29.26 14.54 -21.47
N PRO A 79 29.17 15.80 -22.01
CA PRO A 79 27.95 16.60 -21.79
C PRO A 79 26.69 15.94 -22.32
N GLY A 80 25.62 16.05 -21.53
CA GLY A 80 24.33 15.45 -21.86
C GLY A 80 24.26 13.95 -21.63
N GLU A 81 25.39 13.34 -21.22
CA GLU A 81 25.50 11.92 -20.92
C GLU A 81 25.31 11.74 -19.41
N LYS A 82 24.65 10.64 -19.02
CA LYS A 82 24.43 10.29 -17.62
C LYS A 82 24.82 8.83 -17.32
N HIS A 83 25.17 8.57 -16.07
CA HIS A 83 25.60 7.26 -15.57
C HIS A 83 25.28 7.23 -14.09
N TYR A 84 24.76 6.11 -13.57
CA TYR A 84 24.39 6.00 -12.15
C TYR A 84 25.53 6.34 -11.18
N ASN A 85 26.81 6.19 -11.63
CA ASN A 85 28.00 6.46 -10.83
C ASN A 85 28.67 7.81 -11.12
N MET A 86 27.99 8.72 -11.83
CA MET A 86 28.55 10.03 -12.12
C MET A 86 28.55 10.86 -10.82
N ALA A 87 29.44 11.87 -10.72
CA ALA A 87 29.57 12.75 -9.54
C ALA A 87 28.27 13.48 -9.19
N LYS A 88 27.57 13.99 -10.21
CA LYS A 88 26.35 14.77 -10.03
C LYS A 88 25.08 13.92 -9.90
N SER A 89 24.11 14.45 -9.14
CA SER A 89 22.79 13.88 -9.00
C SER A 89 22.01 14.30 -10.25
N TYR A 90 21.03 13.49 -10.65
CA TYR A 90 20.19 13.72 -11.82
C TYR A 90 18.73 13.48 -11.42
N PRO A 91 17.72 14.25 -11.91
CA PRO A 91 17.79 15.36 -12.89
C PRO A 91 18.29 16.69 -12.34
N ASN A 92 18.21 16.85 -11.02
CA ASN A 92 18.63 18.06 -10.37
C ASN A 92 19.97 17.96 -9.67
N GLU A 93 21.04 18.53 -10.29
CA GLU A 93 22.39 18.53 -9.71
C GLU A 93 22.52 19.30 -8.38
N GLU A 94 21.58 20.21 -8.09
CA GLU A 94 21.58 20.97 -6.83
C GLU A 94 21.19 20.13 -5.61
N LYS A 95 20.43 19.04 -5.83
CA LYS A 95 19.99 18.10 -4.81
C LYS A 95 21.08 17.10 -4.50
N ASP A 96 21.12 16.62 -3.24
CA ASP A 96 22.11 15.64 -2.79
C ASP A 96 21.94 14.28 -3.49
N ALA A 97 20.73 13.96 -3.91
CA ALA A 97 20.37 12.67 -4.53
C ALA A 97 19.67 12.78 -5.87
N TRP A 98 19.75 11.68 -6.62
CA TRP A 98 19.00 11.50 -7.84
C TRP A 98 17.52 11.36 -7.50
N ASP A 99 16.68 11.51 -8.52
CA ASP A 99 15.29 11.11 -8.37
C ASP A 99 15.47 9.56 -8.29
N VAL A 100 14.93 8.92 -7.23
CA VAL A 100 15.14 7.48 -6.98
C VAL A 100 14.75 6.52 -8.14
N LYS A 101 13.59 6.78 -8.79
CA LYS A 101 13.09 6.02 -9.92
C LYS A 101 14.05 6.12 -11.11
N MET A 102 14.56 7.34 -11.39
CA MET A 102 15.55 7.56 -12.48
C MET A 102 16.88 6.88 -12.18
N LEU A 103 17.28 6.87 -10.90
CA LEU A 103 18.50 6.21 -10.50
C LEU A 103 18.40 4.71 -10.72
N LEU A 104 17.30 4.07 -10.30
CA LEU A 104 17.11 2.63 -10.49
C LEU A 104 17.13 2.27 -11.98
N GLU A 105 16.42 3.05 -12.80
CA GLU A 105 16.38 2.89 -14.25
C GLU A 105 17.79 3.00 -14.83
N GLN A 106 18.55 4.05 -14.41
CA GLN A 106 19.93 4.28 -14.85
C GLN A 106 20.87 3.15 -14.45
N PHE A 107 20.79 2.69 -13.18
CA PHE A 107 21.63 1.57 -12.72
C PHE A 107 21.32 0.32 -13.56
N SER A 108 20.01 0.03 -13.81
CA SER A 108 19.59 -1.13 -14.61
C SER A 108 20.15 -1.06 -16.06
N PHE A 109 20.10 0.14 -16.65
CA PHE A 109 20.66 0.40 -17.98
C PHE A 109 22.18 0.15 -18.01
N ASP A 110 22.93 0.81 -17.10
CA ASP A 110 24.39 0.69 -17.07
C ASP A 110 24.93 -0.68 -16.63
N ILE A 111 24.22 -1.39 -15.73
CA ILE A 111 24.70 -2.69 -15.24
C ILE A 111 24.23 -3.91 -16.09
N ALA A 112 23.38 -3.66 -17.12
CA ALA A 112 22.72 -4.68 -17.95
C ALA A 112 23.54 -5.92 -18.29
N GLU A 113 24.73 -5.75 -18.90
CA GLU A 113 25.56 -6.89 -19.30
C GLU A 113 25.94 -7.78 -18.13
N GLU A 114 26.21 -7.18 -16.96
CA GLU A 114 26.58 -7.91 -15.75
C GLU A 114 25.34 -8.49 -15.06
N ALA A 115 24.20 -7.77 -15.08
CA ALA A 115 22.95 -8.23 -14.47
C ALA A 115 22.33 -9.47 -15.16
N SER A 116 22.62 -9.67 -16.47
CA SER A 116 22.14 -10.81 -17.25
C SER A 116 22.66 -12.15 -16.73
N LYS A 117 23.75 -12.11 -15.92
CA LYS A 117 24.43 -13.31 -15.43
C LYS A 117 24.14 -13.69 -13.98
N VAL A 118 23.35 -12.89 -13.26
CA VAL A 118 23.05 -13.13 -11.84
C VAL A 118 21.56 -13.16 -11.63
N CYS A 119 21.12 -13.78 -10.51
CA CYS A 119 19.71 -13.80 -10.12
C CYS A 119 19.23 -12.31 -9.91
N LEU A 120 20.00 -11.53 -9.12
CA LEU A 120 19.71 -10.13 -8.84
C LEU A 120 20.95 -9.28 -8.80
N ALA A 121 20.82 -8.01 -9.19
CA ALA A 121 21.86 -6.98 -9.07
C ALA A 121 21.35 -5.95 -8.05
N HIS A 122 22.22 -5.54 -7.11
CA HIS A 122 21.85 -4.58 -6.09
C HIS A 122 22.93 -3.51 -5.92
N LEU A 123 22.52 -2.25 -6.05
CA LEU A 123 23.38 -1.09 -5.88
C LEU A 123 23.32 -0.58 -4.45
N PHE A 124 24.47 -0.28 -3.87
CA PHE A 124 24.56 0.33 -2.54
C PHE A 124 25.13 1.72 -2.78
N THR A 125 24.38 2.73 -2.32
CA THR A 125 24.75 4.10 -2.50
C THR A 125 24.66 4.87 -1.20
N TYR A 126 25.02 6.15 -1.25
CA TYR A 126 24.97 7.02 -0.09
C TYR A 126 24.47 8.37 -0.54
N GLN A 127 23.16 8.48 -0.61
CA GLN A 127 22.47 9.69 -1.03
C GLN A 127 21.15 9.84 -0.34
N ASP A 128 20.82 11.08 0.02
CA ASP A 128 19.60 11.38 0.76
C ASP A 128 18.42 11.61 -0.17
N PHE A 129 17.66 10.51 -0.49
CA PHE A 129 16.48 10.62 -1.36
C PHE A 129 15.39 11.38 -0.63
N ASP A 130 14.54 12.06 -1.40
CA ASP A 130 13.43 12.85 -0.85
C ASP A 130 12.42 11.98 -0.12
N MET A 131 11.71 12.61 0.84
CA MET A 131 10.58 12.06 1.59
C MET A 131 10.89 10.76 2.36
N GLY A 132 12.08 10.67 2.93
CA GLY A 132 12.49 9.49 3.71
C GLY A 132 12.66 8.18 2.94
N THR A 133 12.77 8.24 1.59
CA THR A 133 12.98 7.03 0.75
C THR A 133 14.39 6.50 1.03
N LEU A 134 14.51 5.20 1.27
CA LEU A 134 15.83 4.62 1.55
C LEU A 134 16.29 3.67 0.42
N GLY A 135 15.34 3.22 -0.39
CA GLY A 135 15.64 2.31 -1.50
C GLY A 135 14.54 2.18 -2.52
N LEU A 136 14.77 1.33 -3.51
CA LEU A 136 13.84 1.04 -4.60
C LEU A 136 14.25 -0.23 -5.32
N ALA A 137 13.28 -1.00 -5.79
CA ALA A 137 13.50 -2.25 -6.52
C ALA A 137 12.34 -2.55 -7.43
N TYR A 138 12.57 -3.32 -8.52
CA TYR A 138 11.48 -3.78 -9.36
C TYR A 138 10.86 -4.99 -8.70
N GLY A 139 9.53 -4.95 -8.60
CA GLY A 139 8.76 -6.02 -7.97
C GLY A 139 8.77 -7.26 -8.81
N GLY A 140 9.02 -8.41 -8.19
CA GLY A 140 9.02 -9.69 -8.88
C GLY A 140 7.63 -10.30 -8.85
N SER A 141 7.46 -11.48 -9.47
CA SER A 141 6.19 -12.25 -9.50
C SER A 141 6.43 -13.65 -10.09
N PRO A 142 5.46 -14.61 -9.99
CA PRO A 142 5.69 -15.93 -10.60
C PRO A 142 5.68 -15.93 -12.14
N ARG A 143 5.02 -14.93 -12.76
CA ARG A 143 4.86 -14.79 -14.22
C ARG A 143 6.18 -14.61 -14.99
N ALA A 144 6.28 -15.23 -16.20
CA ALA A 144 7.47 -15.17 -17.07
C ALA A 144 7.82 -13.75 -17.54
N ASN A 145 6.81 -12.90 -17.78
CA ASN A 145 6.95 -11.52 -18.25
C ASN A 145 6.57 -10.57 -17.06
N SER A 146 7.37 -10.62 -15.98
CA SER A 146 7.09 -9.86 -14.74
C SER A 146 7.53 -8.42 -14.71
N HIS A 147 8.36 -7.98 -15.67
CA HIS A 147 8.91 -6.63 -15.70
C HIS A 147 9.64 -6.31 -14.37
N GLY A 148 10.40 -7.29 -13.89
CA GLY A 148 11.17 -7.07 -12.68
C GLY A 148 11.32 -8.23 -11.74
N GLY A 149 12.20 -8.03 -10.77
CA GLY A 149 12.47 -8.99 -9.72
C GLY A 149 13.43 -10.10 -10.08
N VAL A 150 13.49 -11.09 -9.21
CA VAL A 150 14.34 -12.27 -9.36
C VAL A 150 14.32 -12.83 -10.78
N CYS A 151 15.52 -13.21 -11.27
CA CYS A 151 15.79 -13.86 -12.56
C CYS A 151 15.75 -12.89 -13.70
N PRO A 152 16.90 -12.73 -14.35
CA PRO A 152 16.99 -11.75 -15.45
C PRO A 152 16.16 -12.17 -16.66
N LYS A 153 15.42 -11.21 -17.21
CA LYS A 153 14.64 -11.41 -18.44
C LYS A 153 14.97 -10.21 -19.30
N ALA A 154 15.44 -10.45 -20.53
CA ALA A 154 15.80 -9.35 -21.40
C ALA A 154 14.59 -8.56 -21.89
N TYR A 155 14.70 -7.24 -21.80
CA TYR A 155 13.76 -6.27 -22.35
C TYR A 155 14.63 -5.37 -23.18
N TYR A 156 14.33 -5.23 -24.47
CA TYR A 156 15.19 -4.45 -25.35
C TYR A 156 14.99 -2.96 -25.20
N SER A 157 16.10 -2.22 -25.17
CA SER A 157 16.03 -0.77 -25.11
C SER A 157 16.31 -0.22 -26.54
N PRO A 158 15.28 0.28 -27.30
CA PRO A 158 15.57 0.81 -28.64
C PRO A 158 16.55 1.98 -28.63
N VAL A 159 16.48 2.89 -27.62
CA VAL A 159 17.39 4.02 -27.51
C VAL A 159 18.83 3.56 -27.26
N GLY A 160 19.01 2.66 -26.30
CA GLY A 160 20.33 2.11 -25.97
C GLY A 160 20.85 1.07 -26.94
N LYS A 161 19.96 0.53 -27.80
CA LYS A 161 20.27 -0.54 -28.77
C LYS A 161 20.90 -1.73 -28.05
N LYS A 162 20.24 -2.17 -26.98
CA LYS A 162 20.74 -3.29 -26.17
C LYS A 162 19.65 -3.80 -25.27
N ASN A 163 19.87 -4.99 -24.73
CA ASN A 163 18.99 -5.61 -23.78
C ASN A 163 19.24 -5.02 -22.42
N ILE A 164 18.18 -4.76 -21.68
CA ILE A 164 18.28 -4.29 -20.31
C ILE A 164 17.51 -5.31 -19.43
N TYR A 165 17.85 -5.38 -18.13
CA TYR A 165 17.27 -6.35 -17.21
C TYR A 165 16.72 -5.61 -16.01
N LEU A 166 15.59 -6.08 -15.47
CA LEU A 166 14.91 -5.44 -14.35
C LEU A 166 15.02 -6.23 -13.04
N ASN A 167 16.04 -7.11 -12.95
CA ASN A 167 16.34 -7.94 -11.78
C ASN A 167 17.25 -7.10 -10.90
N SER A 168 16.74 -5.91 -10.51
CA SER A 168 17.53 -4.93 -9.77
C SER A 168 16.83 -4.21 -8.63
N GLY A 169 17.65 -3.63 -7.79
CA GLY A 169 17.25 -2.89 -6.61
C GLY A 169 18.42 -2.05 -6.11
N LEU A 170 18.13 -1.13 -5.21
CA LEU A 170 19.18 -0.30 -4.63
C LEU A 170 18.83 0.00 -3.17
N THR A 171 19.87 0.28 -2.37
CA THR A 171 19.78 0.65 -0.96
C THR A 171 20.67 1.88 -0.72
N SER A 172 20.13 2.90 -0.06
CA SER A 172 20.92 4.04 0.40
C SER A 172 21.13 3.91 1.93
N THR A 173 22.35 4.15 2.40
CA THR A 173 22.60 4.13 3.85
C THR A 173 22.62 5.55 4.43
N LYS A 174 22.11 6.53 3.66
CA LYS A 174 21.98 7.92 4.11
C LYS A 174 20.52 8.34 4.12
N ASN A 175 20.07 8.94 5.23
CA ASN A 175 18.70 9.44 5.34
C ASN A 175 18.68 10.61 6.32
N TYR A 176 18.00 11.70 5.94
CA TYR A 176 17.90 12.93 6.74
C TYR A 176 19.28 13.46 7.18
N GLY A 177 20.20 13.49 6.23
CA GLY A 177 21.55 14.00 6.39
C GLY A 177 22.54 13.16 7.16
N LYS A 178 22.11 12.00 7.69
CA LYS A 178 23.00 11.16 8.51
C LYS A 178 23.09 9.71 8.00
N THR A 179 24.12 8.98 8.45
CA THR A 179 24.27 7.57 8.14
C THR A 179 23.24 6.83 9.00
N ILE A 180 22.47 5.92 8.37
CA ILE A 180 21.51 5.14 9.14
C ILE A 180 22.21 4.06 9.98
N LEU A 181 21.52 3.54 11.00
CA LEU A 181 22.06 2.44 11.81
C LEU A 181 22.19 1.20 10.93
N THR A 182 23.14 0.31 11.25
CA THR A 182 23.33 -0.91 10.48
C THR A 182 22.06 -1.77 10.51
N LYS A 183 21.36 -1.82 11.66
CA LYS A 183 20.13 -2.58 11.80
C LYS A 183 19.03 -2.04 10.87
N GLU A 184 19.05 -0.72 10.56
CA GLU A 184 18.11 -0.05 9.66
C GLU A 184 18.49 -0.41 8.21
N ALA A 185 19.80 -0.33 7.88
CA ALA A 185 20.36 -0.69 6.57
C ALA A 185 20.03 -2.15 6.23
N ASP A 186 20.19 -3.10 7.17
CA ASP A 186 19.81 -4.50 6.92
C ASP A 186 18.34 -4.62 6.50
N LEU A 187 17.44 -3.86 7.18
CA LEU A 187 16.00 -3.91 6.88
C LEU A 187 15.63 -3.31 5.54
N VAL A 188 16.32 -2.24 5.14
CA VAL A 188 16.09 -1.60 3.83
C VAL A 188 16.37 -2.64 2.72
N THR A 189 17.56 -3.29 2.73
CA THR A 189 17.94 -4.30 1.74
C THR A 189 16.97 -5.48 1.82
N THR A 190 16.58 -5.89 3.04
CA THR A 190 15.56 -6.97 3.22
C THR A 190 14.29 -6.56 2.48
N HIS A 191 13.81 -5.36 2.70
CA HIS A 191 12.59 -4.80 2.09
C HIS A 191 12.68 -4.75 0.54
N GLU A 192 13.82 -4.27 0.01
CA GLU A 192 14.07 -4.15 -1.43
C GLU A 192 14.12 -5.50 -2.10
N LEU A 193 14.89 -6.43 -1.51
CA LEU A 193 14.95 -7.80 -2.02
C LEU A 193 13.58 -8.48 -1.88
N GLY A 194 12.83 -8.09 -0.86
CA GLY A 194 11.46 -8.54 -0.60
C GLY A 194 10.58 -8.21 -1.79
N HIS A 195 10.69 -6.98 -2.31
CA HIS A 195 9.97 -6.54 -3.52
C HIS A 195 10.42 -7.39 -4.72
N ASN A 196 11.76 -7.54 -4.91
CA ASN A 196 12.35 -8.37 -5.97
C ASN A 196 11.85 -9.82 -5.92
N PHE A 197 11.64 -10.38 -4.71
CA PHE A 197 11.17 -11.75 -4.47
C PHE A 197 9.64 -11.90 -4.59
N GLY A 198 8.93 -10.81 -4.89
CA GLY A 198 7.49 -10.83 -5.15
C GLY A 198 6.56 -10.31 -4.07
N ALA A 199 7.10 -9.85 -2.93
CA ALA A 199 6.18 -9.29 -1.92
C ALA A 199 5.77 -7.86 -2.25
N GLU A 200 4.52 -7.54 -1.91
CA GLU A 200 4.00 -6.18 -2.00
C GLU A 200 4.04 -5.68 -0.55
N HIS A 201 3.65 -4.42 -0.35
CA HIS A 201 3.58 -3.86 0.99
C HIS A 201 2.48 -4.54 1.78
N ASP A 202 2.69 -4.66 3.10
CA ASP A 202 1.66 -5.19 3.99
C ASP A 202 0.55 -4.13 4.10
N PRO A 203 -0.74 -4.52 3.93
CA PRO A 203 -1.82 -3.51 4.02
C PRO A 203 -2.39 -3.40 5.43
N ASP A 204 -2.88 -2.21 5.82
CA ASP A 204 -3.51 -2.01 7.15
C ASP A 204 -4.78 -2.88 7.34
N GLY A 205 -5.46 -3.16 6.23
CA GLY A 205 -6.68 -3.97 6.23
C GLY A 205 -6.57 -5.43 6.64
N LEU A 206 -5.35 -5.94 6.84
CA LEU A 206 -5.16 -7.33 7.28
C LEU A 206 -4.34 -7.31 8.56
N ALA A 207 -5.02 -7.21 9.74
CA ALA A 207 -4.39 -7.12 11.07
C ALA A 207 -3.23 -8.09 11.25
N GLU A 208 -3.39 -9.35 10.79
CA GLU A 208 -2.40 -10.43 10.83
C GLU A 208 -1.05 -9.98 10.21
N CYS A 209 -1.09 -9.14 9.15
CA CYS A 209 0.11 -8.67 8.43
C CYS A 209 0.60 -7.28 8.82
N ALA A 210 -0.12 -6.62 9.73
CA ALA A 210 0.23 -5.29 10.21
C ALA A 210 -0.14 -5.21 11.72
N PRO A 211 0.55 -5.97 12.63
CA PRO A 211 0.18 -5.94 14.06
C PRO A 211 0.45 -4.62 14.75
N ASN A 212 -0.17 -4.39 15.93
CA ASN A 212 0.03 -3.19 16.72
C ASN A 212 1.42 -3.30 17.38
N GLU A 213 1.95 -2.18 17.90
CA GLU A 213 3.24 -2.15 18.57
C GLU A 213 3.33 -3.08 19.78
N ASP A 214 2.23 -3.24 20.54
CA ASP A 214 2.20 -4.16 21.70
C ASP A 214 2.16 -5.64 21.27
N GLN A 215 2.02 -5.90 19.97
CA GLN A 215 1.95 -7.25 19.39
C GLN A 215 3.20 -7.58 18.56
N GLY A 216 4.28 -6.84 18.80
CA GLY A 216 5.57 -7.04 18.13
C GLY A 216 5.87 -6.08 16.99
N GLY A 217 4.94 -5.16 16.73
CA GLY A 217 5.06 -4.17 15.67
C GLY A 217 4.81 -4.69 14.27
N LYS A 218 5.21 -3.88 13.30
CA LYS A 218 5.04 -4.16 11.89
C LYS A 218 6.12 -5.09 11.35
N TYR A 219 5.79 -5.80 10.25
CA TYR A 219 6.71 -6.68 9.54
C TYR A 219 7.51 -5.87 8.51
N VAL A 220 8.60 -6.46 7.98
CA VAL A 220 9.52 -5.78 7.05
C VAL A 220 8.90 -5.07 5.82
N MET A 221 7.81 -5.61 5.26
CA MET A 221 7.17 -5.06 4.05
C MET A 221 6.12 -4.00 4.32
N TYR A 222 6.05 -3.51 5.58
CA TYR A 222 5.12 -2.43 5.90
C TYR A 222 5.53 -1.20 5.06
N PRO A 223 4.55 -0.40 4.54
CA PRO A 223 4.91 0.73 3.66
C PRO A 223 5.70 1.87 4.29
N ILE A 224 5.58 2.03 5.62
CA ILE A 224 6.32 3.02 6.41
C ILE A 224 7.51 2.26 6.98
N ALA A 225 8.73 2.65 6.58
CA ALA A 225 9.99 2.00 6.92
C ALA A 225 10.16 1.66 8.39
N VAL A 226 10.23 0.34 8.69
CA VAL A 226 10.43 -0.17 10.05
C VAL A 226 11.82 0.26 10.55
N SER A 227 11.94 0.55 11.84
CA SER A 227 13.18 0.98 12.50
C SER A 227 14.08 -0.19 12.90
N GLY A 228 13.50 -1.37 13.16
CA GLY A 228 14.24 -2.53 13.65
C GLY A 228 14.17 -2.67 15.16
N ASP A 229 13.46 -1.71 15.82
CA ASP A 229 13.29 -1.65 17.28
C ASP A 229 12.33 -2.73 17.79
N HIS A 230 11.43 -3.22 16.93
CA HIS A 230 10.39 -4.19 17.32
C HIS A 230 10.66 -5.55 16.73
N GLU A 231 10.26 -6.60 17.45
CA GLU A 231 10.51 -7.97 17.03
C GLU A 231 10.06 -8.36 15.63
N ASN A 232 8.90 -7.84 15.16
CA ASN A 232 8.40 -8.21 13.83
C ASN A 232 9.16 -7.54 12.71
N ASN A 233 9.86 -6.42 13.00
CA ASN A 233 10.55 -5.60 11.99
C ASN A 233 11.48 -6.35 11.05
N LYS A 234 12.21 -7.31 11.58
CA LYS A 234 13.15 -8.10 10.81
C LYS A 234 12.55 -9.42 10.27
N MET A 235 11.20 -9.53 10.22
CA MET A 235 10.51 -10.74 9.73
CA MET A 235 10.55 -10.74 9.71
C MET A 235 9.52 -10.41 8.63
N PHE A 236 9.21 -11.40 7.78
CA PHE A 236 8.20 -11.28 6.74
C PHE A 236 6.84 -11.65 7.37
N SER A 237 5.77 -10.92 6.99
CA SER A 237 4.41 -11.20 7.43
C SER A 237 3.96 -12.43 6.67
N GLN A 238 2.82 -13.01 7.06
CA GLN A 238 2.21 -14.12 6.36
C GLN A 238 1.79 -13.70 4.95
N CYS A 239 1.47 -12.40 4.75
CA CYS A 239 1.09 -11.83 3.45
C CYS A 239 2.31 -11.89 2.49
N SER A 240 3.47 -11.44 2.95
CA SER A 240 4.74 -11.46 2.22
C SER A 240 5.13 -12.90 1.93
N LYS A 241 5.00 -13.82 2.94
CA LYS A 241 5.34 -15.23 2.77
C LYS A 241 4.56 -15.88 1.64
N GLN A 242 3.24 -15.63 1.54
CA GLN A 242 2.40 -16.20 0.47
CA GLN A 242 2.39 -16.19 0.47
C GLN A 242 2.81 -15.69 -0.93
N SER A 243 3.03 -14.38 -1.05
CA SER A 243 3.46 -13.76 -2.31
C SER A 243 4.85 -14.28 -2.72
N ILE A 244 5.82 -14.24 -1.79
CA ILE A 244 7.18 -14.71 -2.07
C ILE A 244 7.20 -16.21 -2.40
N TYR A 245 6.45 -17.02 -1.64
CA TYR A 245 6.35 -18.47 -1.87
C TYR A 245 5.98 -18.76 -3.33
N LYS A 246 4.94 -18.09 -3.84
CA LYS A 246 4.50 -18.22 -5.24
C LYS A 246 5.58 -17.83 -6.25
N THR A 247 6.34 -16.76 -5.98
CA THR A 247 7.42 -16.32 -6.87
C THR A 247 8.56 -17.35 -6.86
N ILE A 248 9.05 -17.73 -5.65
CA ILE A 248 10.16 -18.70 -5.50
C ILE A 248 9.82 -20.03 -6.17
N GLU A 249 8.61 -20.55 -5.91
CA GLU A 249 8.13 -21.84 -6.42
C GLU A 249 8.27 -21.90 -7.95
N SER A 250 7.87 -20.84 -8.63
CA SER A 250 7.96 -20.70 -10.08
C SER A 250 9.38 -20.38 -10.58
N LYS A 251 10.10 -19.45 -9.92
CA LYS A 251 11.40 -18.93 -10.39
C LYS A 251 12.69 -19.56 -9.88
N ALA A 252 12.69 -20.34 -8.78
CA ALA A 252 13.94 -20.95 -8.29
C ALA A 252 14.57 -21.87 -9.35
N GLN A 253 13.72 -22.62 -10.09
CA GLN A 253 14.19 -23.51 -11.17
C GLN A 253 14.75 -22.73 -12.34
N GLU A 254 14.34 -21.47 -12.50
CA GLU A 254 14.82 -20.63 -13.57
C GLU A 254 16.23 -20.10 -13.33
N CYS A 255 16.51 -19.51 -12.15
CA CYS A 255 17.82 -18.88 -11.92
C CYS A 255 18.48 -19.12 -10.55
N PHE A 256 17.81 -19.81 -9.60
CA PHE A 256 18.46 -20.03 -8.30
C PHE A 256 19.50 -21.12 -8.47
N GLN A 257 20.51 -21.11 -7.61
CA GLN A 257 21.63 -22.03 -7.71
C GLN A 257 21.88 -22.68 -6.37
N GLU A 258 22.81 -23.64 -6.32
CA GLU A 258 23.18 -24.30 -5.08
C GLU A 258 23.94 -23.31 -4.22
N ARG A 259 23.73 -23.38 -2.90
CA ARG A 259 24.43 -22.57 -1.91
C ARG A 259 25.91 -22.92 -2.01
N SER A 260 26.77 -21.89 -2.08
CA SER A 260 28.22 -22.03 -2.21
C SER A 260 28.87 -21.89 -0.84
N ARG B 1 -3.13 9.85 -28.69
CA ARG B 1 -4.53 10.25 -28.75
C ARG B 1 -5.49 9.13 -28.28
N ALA B 2 -5.22 8.63 -27.07
CA ALA B 2 -6.01 7.61 -26.38
C ALA B 2 -6.49 8.25 -25.08
N ASP B 3 -6.91 9.54 -25.18
CA ASP B 3 -7.40 10.38 -24.08
C ASP B 3 -8.48 9.61 -23.30
N PRO B 4 -8.43 9.58 -21.94
CA PRO B 4 -9.50 8.89 -21.20
C PRO B 4 -10.85 9.55 -21.48
N ASP B 5 -11.92 8.74 -21.48
CA ASP B 5 -13.28 9.20 -21.71
C ASP B 5 -13.79 9.85 -20.41
N PRO B 6 -14.02 11.19 -20.40
CA PRO B 6 -14.53 11.85 -19.18
C PRO B 6 -15.87 11.33 -18.67
N MET B 7 -16.56 10.49 -19.48
CA MET B 7 -17.87 9.93 -19.14
C MET B 7 -17.75 8.66 -18.32
N LYS B 8 -16.56 8.02 -18.29
CA LYS B 8 -16.24 6.83 -17.47
C LYS B 8 -15.84 7.43 -16.11
N ASN B 9 -16.84 7.89 -15.38
CA ASN B 9 -16.62 8.72 -14.19
C ASN B 9 -17.36 8.34 -12.92
N THR B 10 -18.04 7.18 -12.91
CA THR B 10 -18.88 6.80 -11.76
C THR B 10 -18.37 5.56 -11.08
N CYS B 11 -18.22 5.65 -9.76
CA CYS B 11 -17.82 4.52 -8.93
C CYS B 11 -19.15 3.86 -8.45
N LYS B 12 -19.46 2.67 -8.96
CA LYS B 12 -20.70 1.95 -8.60
C LYS B 12 -20.57 1.29 -7.25
N LEU B 13 -21.60 1.41 -6.40
CA LEU B 13 -21.53 0.84 -5.05
C LEU B 13 -22.45 -0.30 -4.75
N LEU B 14 -21.93 -1.22 -3.92
CA LEU B 14 -22.69 -2.27 -3.33
C LEU B 14 -22.99 -1.68 -1.94
N VAL B 15 -24.26 -1.42 -1.65
CA VAL B 15 -24.65 -0.85 -0.34
C VAL B 15 -25.29 -1.97 0.48
N VAL B 16 -24.79 -2.20 1.70
CA VAL B 16 -25.34 -3.24 2.57
C VAL B 16 -25.87 -2.59 3.86
N ALA B 17 -27.14 -2.88 4.23
CA ALA B 17 -27.72 -2.44 5.49
C ALA B 17 -27.77 -3.67 6.41
N ASP B 18 -27.02 -3.69 7.52
CA ASP B 18 -27.07 -4.84 8.44
C ASP B 18 -28.39 -4.90 9.26
N HIS B 19 -28.59 -5.90 10.15
CA HIS B 19 -29.84 -6.03 10.93
C HIS B 19 -30.05 -4.88 11.90
N ARG B 20 -28.92 -4.31 12.40
CA ARG B 20 -28.95 -3.18 13.31
C ARG B 20 -29.50 -1.96 12.61
N PHE B 21 -29.03 -1.66 11.39
CA PHE B 21 -29.48 -0.50 10.60
C PHE B 21 -30.96 -0.66 10.24
N TYR B 22 -31.34 -1.86 9.77
CA TYR B 22 -32.70 -2.23 9.39
C TYR B 22 -33.66 -1.98 10.54
N ARG B 23 -33.36 -2.51 11.74
CA ARG B 23 -34.19 -2.34 12.94
C ARG B 23 -34.26 -0.89 13.48
N TYR B 24 -33.09 -0.25 13.68
CA TYR B 24 -32.97 1.05 14.32
C TYR B 24 -33.08 2.31 13.48
N MET B 25 -32.76 2.21 12.19
CA MET B 25 -32.87 3.35 11.28
C MET B 25 -34.00 3.15 10.29
N GLY B 26 -34.20 1.91 9.86
CA GLY B 26 -35.21 1.60 8.86
C GLY B 26 -36.56 1.17 9.38
N ARG B 27 -36.77 1.25 10.72
CA ARG B 27 -38.01 0.86 11.43
C ARG B 27 -38.52 -0.57 11.09
N GLY B 28 -37.59 -1.46 10.71
CA GLY B 28 -37.87 -2.83 10.33
C GLY B 28 -38.64 -2.89 9.02
N GLU B 29 -38.46 -1.85 8.20
CA GLU B 29 -39.13 -1.72 6.92
C GLU B 29 -38.13 -1.54 5.82
N GLU B 30 -38.28 -2.37 4.78
CA GLU B 30 -37.46 -2.37 3.58
C GLU B 30 -37.54 -1.00 2.90
N SER B 31 -38.78 -0.45 2.74
CA SER B 31 -38.99 0.83 2.05
C SER B 31 -38.26 2.00 2.76
N THR B 32 -38.45 2.14 4.09
CA THR B 32 -37.80 3.15 4.92
C THR B 32 -36.25 3.01 4.84
N THR B 33 -35.74 1.77 4.95
CA THR B 33 -34.29 1.47 4.89
C THR B 33 -33.71 1.94 3.55
N THR B 34 -34.35 1.50 2.44
CA THR B 34 -33.97 1.77 1.07
C THR B 34 -33.95 3.28 0.78
N ASN B 35 -35.06 3.99 1.09
CA ASN B 35 -35.19 5.43 0.87
C ASN B 35 -34.14 6.23 1.63
N TYR B 36 -33.84 5.84 2.90
CA TYR B 36 -32.80 6.51 3.69
C TYR B 36 -31.45 6.45 2.92
N LEU B 37 -31.08 5.24 2.48
CA LEU B 37 -29.80 5.01 1.79
C LEU B 37 -29.74 5.58 0.40
N ILE B 38 -30.84 5.49 -0.37
CA ILE B 38 -30.88 6.09 -1.72
C ILE B 38 -30.64 7.60 -1.61
N GLU B 39 -31.37 8.28 -0.69
CA GLU B 39 -31.27 9.72 -0.52
C GLU B 39 -29.90 10.17 0.01
N LEU B 40 -29.33 9.43 0.97
CA LEU B 40 -28.00 9.75 1.52
C LEU B 40 -26.94 9.64 0.41
N ILE B 41 -26.91 8.52 -0.32
CA ILE B 41 -25.92 8.33 -1.40
C ILE B 41 -26.05 9.45 -2.43
N ASP B 42 -27.29 9.79 -2.83
CA ASP B 42 -27.55 10.87 -3.78
C ASP B 42 -26.96 12.23 -3.30
N ARG B 43 -27.14 12.59 -2.01
CA ARG B 43 -26.60 13.85 -1.46
C ARG B 43 -25.06 13.77 -1.39
N VAL B 44 -24.51 12.57 -1.09
CA VAL B 44 -23.06 12.39 -1.06
C VAL B 44 -22.50 12.55 -2.50
N ASP B 45 -23.20 11.96 -3.48
CA ASP B 45 -22.86 12.10 -4.91
C ASP B 45 -22.81 13.57 -5.34
N ASP B 46 -23.73 14.44 -4.84
CA ASP B 46 -23.74 15.89 -5.17
C ASP B 46 -22.43 16.56 -4.74
N ILE B 47 -21.88 16.15 -3.60
CA ILE B 47 -20.59 16.66 -3.12
C ILE B 47 -19.49 16.24 -4.10
N TYR B 48 -19.38 14.92 -4.38
CA TYR B 48 -18.32 14.43 -5.27
C TYR B 48 -18.39 14.98 -6.70
N ARG B 49 -19.54 14.77 -7.37
CA ARG B 49 -19.80 15.14 -8.76
C ARG B 49 -19.47 16.63 -9.05
N ASN B 50 -19.80 17.49 -8.09
CA ASN B 50 -19.59 18.91 -8.18
C ASN B 50 -18.18 19.36 -7.83
N THR B 51 -17.36 18.47 -7.26
CA THR B 51 -15.99 18.84 -6.91
C THR B 51 -15.10 18.84 -8.15
N ALA B 52 -14.33 19.94 -8.34
CA ALA B 52 -13.36 20.09 -9.41
C ALA B 52 -12.03 19.70 -8.78
N TRP B 53 -11.60 18.46 -8.99
CA TRP B 53 -10.38 17.92 -8.40
C TRP B 53 -9.10 18.67 -8.74
N ASP B 54 -9.10 19.43 -9.85
CA ASP B 54 -7.94 20.21 -10.26
C ASP B 54 -8.22 21.71 -10.18
N ASN B 55 -9.33 22.08 -9.49
CA ASN B 55 -9.83 23.46 -9.35
C ASN B 55 -10.24 24.07 -10.69
N ALA B 56 -10.43 23.23 -11.72
CA ALA B 56 -10.85 23.72 -13.03
C ALA B 56 -11.98 22.86 -13.56
N GLY B 57 -11.78 22.09 -14.62
CA GLY B 57 -12.86 21.31 -15.21
C GLY B 57 -12.79 19.81 -15.05
N PHE B 58 -11.87 19.29 -14.22
CA PHE B 58 -11.79 17.86 -14.02
C PHE B 58 -12.81 17.56 -12.91
N LYS B 59 -14.07 17.46 -13.30
CA LYS B 59 -15.19 17.28 -12.39
C LYS B 59 -16.21 16.29 -12.99
N GLY B 60 -17.31 16.05 -12.28
CA GLY B 60 -18.34 15.12 -12.76
C GLY B 60 -18.14 13.70 -12.28
N TYR B 61 -17.12 13.49 -11.40
CA TYR B 61 -16.77 12.19 -10.84
C TYR B 61 -17.55 11.96 -9.55
N GLY B 62 -18.28 10.85 -9.51
CA GLY B 62 -19.10 10.55 -8.36
C GLY B 62 -19.44 9.11 -8.14
N ILE B 63 -20.53 8.88 -7.39
CA ILE B 63 -20.92 7.53 -6.97
C ILE B 63 -22.36 7.25 -7.30
N GLN B 64 -22.70 5.97 -7.46
CA GLN B 64 -24.07 5.56 -7.70
C GLN B 64 -24.28 4.16 -7.13
N ILE B 65 -25.47 3.90 -6.59
CA ILE B 65 -25.79 2.57 -6.07
C ILE B 65 -25.96 1.61 -7.24
N GLU B 66 -25.24 0.50 -7.20
CA GLU B 66 -25.35 -0.57 -8.16
C GLU B 66 -26.39 -1.53 -7.56
N GLN B 67 -26.26 -1.83 -6.26
CA GLN B 67 -27.17 -2.74 -5.58
C GLN B 67 -27.25 -2.44 -4.09
N ILE B 68 -28.43 -2.66 -3.49
CA ILE B 68 -28.70 -2.56 -2.05
C ILE B 68 -28.99 -3.95 -1.50
N ARG B 69 -28.27 -4.35 -0.44
CA ARG B 69 -28.54 -5.63 0.25
C ARG B 69 -29.02 -5.27 1.64
N ILE B 70 -30.24 -5.69 2.00
CA ILE B 70 -30.78 -5.41 3.34
C ILE B 70 -30.81 -6.74 4.09
N LEU B 71 -30.10 -6.80 5.23
CA LEU B 71 -30.05 -8.01 6.06
C LEU B 71 -31.08 -7.81 7.15
N LYS B 72 -32.26 -8.42 7.00
CA LYS B 72 -33.40 -8.20 7.92
C LYS B 72 -33.18 -8.77 9.30
N SER B 73 -32.41 -9.82 9.41
CA SER B 73 -32.21 -10.44 10.72
C SER B 73 -30.77 -10.82 10.97
N PRO B 74 -30.35 -11.00 12.26
CA PRO B 74 -28.95 -11.35 12.51
C PRO B 74 -28.49 -12.64 11.85
N GLN B 75 -27.19 -12.72 11.58
CA GLN B 75 -26.59 -13.90 10.99
C GLN B 75 -26.34 -14.90 12.10
N GLU B 76 -26.94 -16.10 12.00
CA GLU B 76 -26.71 -17.14 13.00
C GLU B 76 -25.32 -17.69 12.77
N VAL B 77 -24.57 -17.88 13.84
CA VAL B 77 -23.18 -18.36 13.74
C VAL B 77 -22.97 -19.61 14.60
N LYS B 78 -21.97 -20.44 14.24
CA LYS B 78 -21.58 -21.61 15.01
C LYS B 78 -20.63 -21.12 16.14
N PRO B 79 -20.45 -21.88 17.26
CA PRO B 79 -19.53 -21.41 18.33
C PRO B 79 -18.11 -21.17 17.80
N GLY B 80 -17.51 -20.05 18.20
CA GLY B 80 -16.17 -19.68 17.73
C GLY B 80 -16.16 -18.99 16.37
N GLU B 81 -17.28 -19.04 15.61
CA GLU B 81 -17.48 -18.43 14.29
C GLU B 81 -17.98 -16.98 14.42
N LYS B 82 -17.58 -16.13 13.49
CA LYS B 82 -17.93 -14.71 13.45
C LYS B 82 -18.48 -14.34 12.10
N HIS B 83 -19.31 -13.30 12.07
CA HIS B 83 -19.90 -12.72 10.86
C HIS B 83 -20.23 -11.25 11.17
N TYR B 84 -20.00 -10.32 10.21
CA TYR B 84 -20.28 -8.91 10.45
C TYR B 84 -21.75 -8.61 10.85
N ASN B 85 -22.69 -9.49 10.44
CA ASN B 85 -24.11 -9.33 10.70
C ASN B 85 -24.61 -10.22 11.85
N MET B 86 -23.68 -10.79 12.65
CA MET B 86 -24.09 -11.60 13.80
C MET B 86 -24.68 -10.67 14.84
N ALA B 87 -25.49 -11.24 15.75
CA ALA B 87 -26.20 -10.47 16.78
C ALA B 87 -25.30 -9.79 17.77
N LYS B 88 -24.26 -10.49 18.26
CA LYS B 88 -23.33 -9.95 19.25
C LYS B 88 -22.20 -9.11 18.67
N SER B 89 -21.71 -8.15 19.47
CA SER B 89 -20.54 -7.33 19.15
C SER B 89 -19.30 -8.18 19.41
N TYR B 90 -18.24 -7.96 18.64
CA TYR B 90 -16.97 -8.67 18.76
C TYR B 90 -15.82 -7.63 18.85
N PRO B 91 -14.80 -7.80 19.72
CA PRO B 91 -14.51 -8.95 20.60
C PRO B 91 -15.24 -9.02 21.93
N ASN B 92 -15.88 -7.91 22.34
CA ASN B 92 -16.62 -7.81 23.59
C ASN B 92 -18.12 -7.72 23.41
N GLU B 93 -18.83 -8.85 23.63
CA GLU B 93 -20.30 -8.93 23.50
C GLU B 93 -21.08 -8.04 24.49
N GLU B 94 -20.42 -7.58 25.54
CA GLU B 94 -21.03 -6.72 26.56
C GLU B 94 -21.11 -5.27 26.06
N LYS B 95 -20.20 -4.88 25.14
CA LYS B 95 -20.21 -3.51 24.59
C LYS B 95 -21.26 -3.36 23.49
N ASP B 96 -21.73 -2.13 23.25
CA ASP B 96 -22.73 -1.85 22.21
C ASP B 96 -22.24 -2.19 20.79
N ALA B 97 -20.92 -2.04 20.56
CA ALA B 97 -20.32 -2.12 19.23
C ALA B 97 -19.10 -3.02 19.12
N TRP B 98 -18.79 -3.43 17.87
CA TRP B 98 -17.58 -4.15 17.54
C TRP B 98 -16.43 -3.17 17.72
N ASP B 99 -15.19 -3.70 17.77
CA ASP B 99 -13.97 -2.93 17.61
C ASP B 99 -14.13 -2.58 16.09
N VAL B 100 -14.08 -1.29 15.71
CA VAL B 100 -14.35 -0.86 14.33
C VAL B 100 -13.41 -1.45 13.28
N LYS B 101 -12.11 -1.57 13.62
CA LYS B 101 -11.08 -2.10 12.72
C LYS B 101 -11.37 -3.58 12.40
N MET B 102 -11.73 -4.37 13.44
CA MET B 102 -12.08 -5.78 13.28
C MET B 102 -13.38 -5.94 12.50
N LEU B 103 -14.36 -5.02 12.71
CA LEU B 103 -15.63 -5.11 11.98
C LEU B 103 -15.41 -4.91 10.47
N LEU B 104 -14.61 -3.91 10.08
CA LEU B 104 -14.35 -3.64 8.66
C LEU B 104 -13.61 -4.82 8.00
N GLU B 105 -12.67 -5.47 8.75
CA GLU B 105 -11.98 -6.63 8.19
C GLU B 105 -12.96 -7.82 8.04
N GLN B 106 -13.85 -7.99 9.04
CA GLN B 106 -14.84 -9.08 8.99
C GLN B 106 -15.82 -8.83 7.84
N PHE B 107 -16.31 -7.57 7.71
CA PHE B 107 -17.21 -7.19 6.61
C PHE B 107 -16.54 -7.54 5.26
N SER B 108 -15.27 -7.07 5.05
CA SER B 108 -14.50 -7.34 3.84
C SER B 108 -14.37 -8.83 3.57
N PHE B 109 -14.12 -9.65 4.62
CA PHE B 109 -13.96 -11.09 4.45
C PHE B 109 -15.29 -11.71 3.98
N ASP B 110 -16.39 -11.41 4.70
CA ASP B 110 -17.72 -11.94 4.42
C ASP B 110 -18.31 -11.54 3.06
N ILE B 111 -18.11 -10.29 2.62
CA ILE B 111 -18.66 -9.73 1.36
C ILE B 111 -17.71 -9.89 0.14
N ALA B 112 -16.54 -10.53 0.31
CA ALA B 112 -15.51 -10.65 -0.74
C ALA B 112 -16.02 -11.02 -2.12
N GLU B 113 -16.85 -12.08 -2.23
CA GLU B 113 -17.38 -12.50 -3.52
C GLU B 113 -18.17 -11.39 -4.23
N GLU B 114 -19.03 -10.67 -3.49
CA GLU B 114 -19.81 -9.57 -4.07
C GLU B 114 -18.93 -8.31 -4.30
N ALA B 115 -18.01 -8.00 -3.35
CA ALA B 115 -17.07 -6.86 -3.44
C ALA B 115 -16.15 -6.93 -4.67
N SER B 116 -15.76 -8.16 -5.11
CA SER B 116 -14.89 -8.44 -6.27
C SER B 116 -15.44 -7.88 -7.58
N LYS B 117 -16.75 -7.58 -7.61
CA LYS B 117 -17.49 -7.17 -8.80
C LYS B 117 -17.89 -5.71 -8.83
N VAL B 118 -17.58 -4.95 -7.77
CA VAL B 118 -17.97 -3.52 -7.68
C VAL B 118 -16.80 -2.62 -7.39
N CYS B 119 -16.96 -1.34 -7.72
CA CYS B 119 -15.96 -0.30 -7.44
C CYS B 119 -15.70 -0.22 -5.93
N LEU B 120 -16.77 -0.10 -5.14
CA LEU B 120 -16.72 -0.07 -3.68
C LEU B 120 -17.93 -0.82 -3.10
N ALA B 121 -17.75 -1.38 -1.88
CA ALA B 121 -18.80 -1.97 -1.05
C ALA B 121 -18.84 -1.13 0.26
N HIS B 122 -20.03 -0.75 0.71
CA HIS B 122 -20.15 0.06 1.93
C HIS B 122 -21.20 -0.54 2.85
N LEU B 123 -20.82 -0.69 4.14
CA LEU B 123 -21.69 -1.24 5.16
C LEU B 123 -22.33 -0.11 5.95
N PHE B 124 -23.65 -0.15 6.09
CA PHE B 124 -24.36 0.82 6.93
C PHE B 124 -24.81 0.09 8.18
N THR B 125 -24.42 0.60 9.34
CA THR B 125 -24.75 -0.10 10.59
C THR B 125 -25.27 0.87 11.62
N TYR B 126 -25.64 0.37 12.79
CA TYR B 126 -26.12 1.19 13.87
C TYR B 126 -25.53 0.61 15.18
N GLN B 127 -24.33 1.09 15.52
CA GLN B 127 -23.59 0.71 16.72
C GLN B 127 -22.68 1.83 17.16
N ASP B 128 -22.57 1.99 18.49
CA ASP B 128 -21.84 3.09 19.12
C ASP B 128 -20.37 2.75 19.38
N PHE B 129 -19.53 2.98 18.36
CA PHE B 129 -18.10 2.71 18.41
C PHE B 129 -17.46 3.59 19.47
N ASP B 130 -16.41 3.07 20.12
CA ASP B 130 -15.70 3.82 21.14
C ASP B 130 -15.09 5.09 20.61
N MET B 131 -14.93 6.07 21.51
CA MET B 131 -14.24 7.34 21.29
C MET B 131 -14.74 8.21 20.12
N GLY B 132 -16.05 8.20 19.90
CA GLY B 132 -16.68 9.02 18.87
C GLY B 132 -16.41 8.59 17.44
N THR B 133 -15.91 7.36 17.24
CA THR B 133 -15.68 6.87 15.87
C THR B 133 -17.04 6.65 15.25
N LEU B 134 -17.22 7.10 14.00
CA LEU B 134 -18.48 6.93 13.28
C LEU B 134 -18.32 6.00 12.07
N GLY B 135 -17.10 5.88 11.55
CA GLY B 135 -16.88 5.00 10.41
C GLY B 135 -15.44 4.60 10.24
N LEU B 136 -15.20 3.78 9.22
CA LEU B 136 -13.85 3.33 8.85
C LEU B 136 -13.87 2.90 7.37
N ALA B 137 -12.76 3.08 6.66
CA ALA B 137 -12.61 2.74 5.23
C ALA B 137 -11.12 2.66 4.86
N TYR B 138 -10.81 1.83 3.87
CA TYR B 138 -9.43 1.65 3.39
C TYR B 138 -9.08 2.58 2.24
N GLY B 139 -7.79 2.86 2.07
CA GLY B 139 -7.34 3.66 0.95
C GLY B 139 -6.53 4.90 1.28
N GLY B 140 -6.61 5.33 2.52
CA GLY B 140 -5.90 6.52 3.00
C GLY B 140 -5.00 6.24 4.20
N SER B 141 -4.71 4.95 4.50
CA SER B 141 -3.86 4.58 5.64
C SER B 141 -2.82 3.54 5.26
N PRO B 142 -1.57 3.66 5.72
CA PRO B 142 -1.02 4.67 6.66
C PRO B 142 -0.78 6.07 6.08
N ARG B 143 -0.88 6.22 4.76
CA ARG B 143 -0.70 7.52 4.08
C ARG B 143 -1.69 7.61 2.91
N ALA B 144 -1.81 8.80 2.31
CA ALA B 144 -2.66 9.04 1.14
C ALA B 144 -2.36 8.01 0.02
N ASN B 145 -3.34 7.66 -0.80
CA ASN B 145 -3.16 6.72 -1.93
C ASN B 145 -2.53 5.34 -1.56
N SER B 146 -2.92 4.79 -0.39
CA SER B 146 -2.40 3.51 0.08
CA SER B 146 -2.40 3.50 0.10
C SER B 146 -3.17 2.33 -0.54
N HIS B 147 -2.85 1.09 -0.13
CA HIS B 147 -3.55 -0.10 -0.60
C HIS B 147 -5.00 0.04 -0.13
N GLY B 148 -5.93 -0.45 -0.94
CA GLY B 148 -7.33 -0.36 -0.59
C GLY B 148 -8.00 0.80 -1.30
N GLY B 149 -9.29 0.92 -1.06
CA GLY B 149 -10.09 1.95 -1.72
C GLY B 149 -10.68 1.49 -3.04
N VAL B 150 -11.07 2.44 -3.89
CA VAL B 150 -11.74 2.21 -5.17
C VAL B 150 -11.10 1.12 -6.03
N CYS B 151 -11.97 0.30 -6.67
CA CYS B 151 -11.63 -0.76 -7.64
C CYS B 151 -11.19 -2.04 -6.99
N PRO B 152 -11.85 -3.16 -7.35
CA PRO B 152 -11.55 -4.43 -6.67
C PRO B 152 -10.20 -5.10 -7.03
N LYS B 153 -9.21 -4.90 -6.18
CA LYS B 153 -7.92 -5.57 -6.36
C LYS B 153 -7.84 -6.64 -5.27
N ALA B 154 -7.59 -7.91 -5.64
CA ALA B 154 -7.49 -8.98 -4.65
C ALA B 154 -6.29 -8.86 -3.72
N TYR B 155 -6.52 -9.07 -2.42
CA TYR B 155 -5.48 -9.15 -1.38
C TYR B 155 -5.71 -10.48 -0.66
N TYR B 156 -4.71 -11.36 -0.70
CA TYR B 156 -4.84 -12.66 -0.05
C TYR B 156 -4.79 -12.49 1.47
N SER B 157 -5.80 -13.02 2.15
CA SER B 157 -5.87 -12.99 3.61
C SER B 157 -5.36 -14.34 4.17
N PRO B 158 -4.15 -14.40 4.76
CA PRO B 158 -3.65 -15.69 5.28
C PRO B 158 -4.55 -16.34 6.33
N VAL B 159 -5.10 -15.57 7.30
CA VAL B 159 -6.06 -16.01 8.32
C VAL B 159 -7.37 -16.48 7.62
N GLY B 160 -7.81 -15.69 6.66
CA GLY B 160 -9.03 -15.95 5.90
C GLY B 160 -8.93 -17.10 4.90
N LYS B 161 -7.69 -17.46 4.50
CA LYS B 161 -7.41 -18.55 3.53
C LYS B 161 -8.07 -18.32 2.18
N LYS B 162 -8.22 -17.06 1.81
CA LYS B 162 -8.87 -16.71 0.56
C LYS B 162 -8.53 -15.26 0.22
N ASN B 163 -8.88 -14.86 -0.99
CA ASN B 163 -8.73 -13.49 -1.42
C ASN B 163 -9.85 -12.66 -0.85
N ILE B 164 -9.50 -11.51 -0.35
CA ILE B 164 -10.45 -10.51 0.13
C ILE B 164 -10.19 -9.25 -0.71
N TYR B 165 -11.07 -8.23 -0.54
CA TYR B 165 -10.94 -6.97 -1.25
C TYR B 165 -10.96 -5.85 -0.25
N LEU B 166 -10.15 -4.82 -0.49
CA LEU B 166 -10.09 -3.64 0.40
C LEU B 166 -10.79 -2.43 -0.20
N ASN B 167 -11.75 -2.68 -1.12
CA ASN B 167 -12.58 -1.63 -1.74
C ASN B 167 -13.80 -1.41 -0.80
N SER B 168 -13.56 -1.29 0.48
CA SER B 168 -14.66 -1.22 1.43
C SER B 168 -14.59 -0.14 2.51
N GLY B 169 -15.74 0.14 3.07
CA GLY B 169 -15.91 1.10 4.14
C GLY B 169 -17.18 0.87 4.92
N LEU B 170 -17.35 1.58 6.04
CA LEU B 170 -18.58 1.43 6.83
C LEU B 170 -18.93 2.73 7.47
N THR B 171 -20.21 2.89 7.76
CA THR B 171 -20.77 4.08 8.40
C THR B 171 -21.70 3.61 9.48
N SER B 172 -21.61 4.20 10.67
CA SER B 172 -22.60 3.96 11.72
C SER B 172 -23.37 5.25 11.89
N THR B 173 -24.70 5.14 12.11
CA THR B 173 -25.58 6.30 12.39
C THR B 173 -25.91 6.44 13.86
N LYS B 174 -25.14 5.78 14.72
CA LYS B 174 -25.31 5.88 16.17
C LYS B 174 -24.02 6.37 16.75
N ASN B 175 -24.10 7.38 17.65
CA ASN B 175 -22.91 7.91 18.32
C ASN B 175 -23.33 8.50 19.66
N TYR B 176 -22.57 8.20 20.72
CA TYR B 176 -22.84 8.69 22.08
C TYR B 176 -24.28 8.44 22.52
N GLY B 177 -24.74 7.23 22.24
CA GLY B 177 -26.03 6.68 22.61
C GLY B 177 -27.25 7.25 21.90
N LYS B 178 -27.05 7.95 20.76
CA LYS B 178 -28.16 8.57 20.03
C LYS B 178 -28.00 8.41 18.52
N THR B 179 -29.10 8.54 17.76
CA THR B 179 -29.06 8.56 16.31
C THR B 179 -28.48 9.91 15.93
N ILE B 180 -27.49 9.93 15.02
CA ILE B 180 -26.87 11.17 14.59
C ILE B 180 -27.81 11.87 13.59
N LEU B 181 -27.61 13.15 13.35
CA LEU B 181 -28.43 13.87 12.36
C LEU B 181 -28.17 13.33 10.95
N THR B 182 -29.14 13.46 10.05
CA THR B 182 -28.88 13.01 8.67
C THR B 182 -27.73 13.82 8.06
N LYS B 183 -27.60 15.14 8.39
CA LYS B 183 -26.51 15.97 7.86
C LYS B 183 -25.12 15.45 8.30
N GLU B 184 -25.06 14.88 9.53
CA GLU B 184 -23.85 14.25 10.08
C GLU B 184 -23.56 12.93 9.36
N ALA B 185 -24.61 12.08 9.16
CA ALA B 185 -24.51 10.80 8.48
C ALA B 185 -23.95 10.97 7.04
N ASP B 186 -24.44 11.96 6.27
CA ASP B 186 -23.95 12.26 4.94
C ASP B 186 -22.44 12.51 4.97
N LEU B 187 -21.99 13.28 5.94
CA LEU B 187 -20.58 13.62 6.10
C LEU B 187 -19.69 12.45 6.54
N VAL B 188 -20.24 11.50 7.32
CA VAL B 188 -19.50 10.29 7.73
C VAL B 188 -19.23 9.47 6.44
N THR B 189 -20.30 9.22 5.65
CA THR B 189 -20.11 8.47 4.40
C THR B 189 -19.16 9.24 3.46
N THR B 190 -19.27 10.58 3.43
CA THR B 190 -18.40 11.42 2.59
C THR B 190 -16.95 11.22 2.97
N HIS B 191 -16.64 11.34 4.28
CA HIS B 191 -15.31 11.13 4.86
C HIS B 191 -14.78 9.72 4.57
N GLU B 192 -15.65 8.69 4.71
CA GLU B 192 -15.29 7.28 4.46
C GLU B 192 -14.94 7.04 3.00
N LEU B 193 -15.79 7.54 2.10
CA LEU B 193 -15.56 7.45 0.67
C LEU B 193 -14.33 8.27 0.27
N GLY B 194 -14.07 9.35 1.01
CA GLY B 194 -12.89 10.18 0.85
C GLY B 194 -11.63 9.34 1.05
N HIS B 195 -11.60 8.52 2.11
CA HIS B 195 -10.46 7.61 2.33
C HIS B 195 -10.41 6.59 1.19
N ASN B 196 -11.60 6.05 0.75
CA ASN B 196 -11.66 5.11 -0.38
C ASN B 196 -11.14 5.73 -1.68
N PHE B 197 -11.31 7.05 -1.86
CA PHE B 197 -10.79 7.80 -3.02
C PHE B 197 -9.31 8.21 -2.83
N GLY B 198 -8.68 7.72 -1.76
CA GLY B 198 -7.24 7.89 -1.50
C GLY B 198 -6.81 9.00 -0.57
N ALA B 199 -7.74 9.80 -0.06
CA ALA B 199 -7.39 10.91 0.82
C ALA B 199 -7.01 10.47 2.21
N GLU B 200 -6.02 11.17 2.81
CA GLU B 200 -5.68 10.97 4.22
C GLU B 200 -6.34 12.14 4.97
N HIS B 201 -6.15 12.28 6.27
CA HIS B 201 -6.73 13.43 6.95
C HIS B 201 -6.05 14.73 6.61
N ASP B 202 -6.79 15.83 6.73
CA ASP B 202 -6.22 17.17 6.55
C ASP B 202 -5.27 17.41 7.72
N PRO B 203 -4.05 17.99 7.48
CA PRO B 203 -3.10 18.20 8.58
C PRO B 203 -3.64 19.15 9.65
N ASP B 204 -3.60 18.69 10.91
CA ASP B 204 -4.05 19.36 12.16
C ASP B 204 -3.92 20.89 12.24
N GLY B 205 -2.71 21.40 12.05
CA GLY B 205 -2.41 22.83 12.13
C GLY B 205 -2.12 23.55 10.83
N LEU B 206 -2.33 22.89 9.66
CA LEU B 206 -2.11 23.54 8.38
C LEU B 206 -3.39 24.33 7.99
N ALA B 207 -3.39 25.65 8.27
CA ALA B 207 -4.50 26.58 7.99
C ALA B 207 -5.06 26.50 6.57
N GLU B 208 -4.18 26.26 5.55
CA GLU B 208 -4.58 26.16 4.15
C GLU B 208 -5.62 25.05 3.94
N CYS B 209 -5.48 23.91 4.65
CA CYS B 209 -6.38 22.77 4.55
C CYS B 209 -7.27 22.56 5.77
N ALA B 210 -7.17 23.46 6.77
CA ALA B 210 -7.98 23.41 7.98
C ALA B 210 -8.34 24.85 8.41
N PRO B 211 -9.25 25.55 7.67
CA PRO B 211 -9.56 26.93 8.01
C PRO B 211 -10.24 27.14 9.36
N ASN B 212 -10.16 28.38 9.85
CA ASN B 212 -10.79 28.78 11.12
C ASN B 212 -12.30 28.79 10.91
N GLU B 213 -13.07 28.68 12.00
CA GLU B 213 -14.54 28.73 11.99
C GLU B 213 -15.07 30.02 11.32
N ASP B 214 -14.34 31.14 11.49
CA ASP B 214 -14.70 32.44 10.90
C ASP B 214 -14.38 32.50 9.40
N GLN B 215 -13.73 31.45 8.86
CA GLN B 215 -13.37 31.36 7.45
C GLN B 215 -14.04 30.16 6.75
N GLY B 216 -15.14 29.69 7.32
CA GLY B 216 -15.94 28.59 6.80
C GLY B 216 -15.79 27.27 7.51
N GLY B 217 -14.80 27.18 8.40
CA GLY B 217 -14.57 25.97 9.18
C GLY B 217 -13.71 24.94 8.46
N LYS B 218 -13.70 23.72 9.02
CA LYS B 218 -12.89 22.60 8.54
C LYS B 218 -13.49 21.90 7.37
N TYR B 219 -12.64 21.28 6.56
CA TYR B 219 -13.08 20.48 5.42
C TYR B 219 -13.42 19.06 5.91
N VAL B 220 -14.12 18.28 5.08
CA VAL B 220 -14.62 16.93 5.38
C VAL B 220 -13.58 15.89 5.88
N MET B 221 -12.32 16.00 5.41
CA MET B 221 -11.24 15.08 5.80
C MET B 221 -10.50 15.50 7.07
N TYR B 222 -11.03 16.51 7.78
CA TYR B 222 -10.44 16.91 9.06
C TYR B 222 -10.48 15.67 10.03
N PRO B 223 -9.42 15.41 10.83
CA PRO B 223 -9.41 14.18 11.67
C PRO B 223 -10.47 14.13 12.77
N ILE B 224 -10.93 15.31 13.25
CA ILE B 224 -12.00 15.42 14.27
C ILE B 224 -13.25 15.62 13.42
N ALA B 225 -14.23 14.69 13.54
CA ALA B 225 -15.44 14.66 12.73
C ALA B 225 -16.21 15.97 12.65
N VAL B 226 -16.35 16.51 11.44
CA VAL B 226 -17.12 17.74 11.21
C VAL B 226 -18.62 17.46 11.47
N SER B 227 -19.31 18.45 12.00
CA SER B 227 -20.73 18.36 12.35
C SER B 227 -21.67 18.67 11.18
N GLY B 228 -21.18 19.46 10.21
CA GLY B 228 -21.99 19.89 9.07
C GLY B 228 -22.62 21.25 9.28
N ASP B 229 -22.30 21.91 10.43
CA ASP B 229 -22.79 23.24 10.81
C ASP B 229 -22.07 24.37 10.05
N HIS B 230 -20.86 24.12 9.50
CA HIS B 230 -20.05 25.13 8.79
C HIS B 230 -19.92 24.82 7.29
N GLU B 231 -19.80 25.85 6.45
CA GLU B 231 -19.78 25.76 5.00
C GLU B 231 -18.78 24.79 4.38
N ASN B 232 -17.53 24.78 4.90
CA ASN B 232 -16.46 23.92 4.38
C ASN B 232 -16.62 22.46 4.73
N ASN B 233 -17.44 22.14 5.73
CA ASN B 233 -17.64 20.76 6.21
C ASN B 233 -18.07 19.80 5.13
N LYS B 234 -18.81 20.28 4.14
CA LYS B 234 -19.33 19.49 3.04
C LYS B 234 -18.41 19.58 1.81
N MET B 235 -17.20 20.13 1.96
CA MET B 235 -16.26 20.30 0.86
CA MET B 235 -16.27 20.29 0.86
C MET B 235 -14.94 19.60 1.14
N PHE B 236 -14.17 19.31 0.09
CA PHE B 236 -12.84 18.70 0.24
C PHE B 236 -11.78 19.84 0.19
N SER B 237 -10.75 19.75 1.03
CA SER B 237 -9.62 20.69 1.07
C SER B 237 -8.78 20.47 -0.18
N GLN B 238 -7.78 21.34 -0.37
CA GLN B 238 -6.82 21.22 -1.45
C GLN B 238 -5.95 19.99 -1.24
N CYS B 239 -5.73 19.64 0.04
CA CYS B 239 -4.94 18.48 0.45
C CYS B 239 -5.63 17.19 -0.02
N SER B 240 -6.94 17.06 0.22
CA SER B 240 -7.77 15.92 -0.24
C SER B 240 -7.88 15.92 -1.75
N LYS B 241 -8.08 17.09 -2.37
CA LYS B 241 -8.19 17.17 -3.84
C LYS B 241 -6.95 16.60 -4.54
N GLN B 242 -5.73 16.92 -4.06
CA GLN B 242 -4.49 16.40 -4.63
C GLN B 242 -4.41 14.87 -4.62
N SER B 243 -4.78 14.24 -3.50
CA SER B 243 -4.72 12.78 -3.36
C SER B 243 -5.79 12.11 -4.23
N ILE B 244 -7.03 12.61 -4.17
CA ILE B 244 -8.18 12.06 -4.90
C ILE B 244 -7.98 12.24 -6.41
N TYR B 245 -7.43 13.37 -6.81
CA TYR B 245 -7.12 13.60 -8.22
C TYR B 245 -6.20 12.48 -8.73
N LYS B 246 -5.13 12.17 -7.96
CA LYS B 246 -4.19 11.08 -8.29
C LYS B 246 -4.93 9.76 -8.45
N THR B 247 -5.85 9.43 -7.49
CA THR B 247 -6.65 8.18 -7.52
C THR B 247 -7.45 8.10 -8.79
N ILE B 248 -8.26 9.14 -9.06
CA ILE B 248 -9.13 9.19 -10.24
C ILE B 248 -8.36 8.99 -11.54
N GLU B 249 -7.29 9.79 -11.76
CA GLU B 249 -6.46 9.66 -12.96
C GLU B 249 -5.91 8.22 -13.10
N SER B 250 -5.46 7.62 -12.01
CA SER B 250 -4.86 6.28 -12.01
C SER B 250 -5.90 5.14 -12.08
N LYS B 251 -7.09 5.30 -11.48
CA LYS B 251 -8.07 4.20 -11.37
C LYS B 251 -9.39 4.28 -12.14
N ALA B 252 -9.76 5.46 -12.71
CA ALA B 252 -11.03 5.57 -13.44
C ALA B 252 -11.14 4.57 -14.61
N GLN B 253 -10.03 4.36 -15.38
CA GLN B 253 -9.98 3.40 -16.51
C GLN B 253 -10.10 1.95 -16.05
N GLU B 254 -9.69 1.68 -14.81
CA GLU B 254 -9.75 0.35 -14.22
C GLU B 254 -11.18 -0.12 -13.88
N CYS B 255 -11.99 0.71 -13.17
CA CYS B 255 -13.31 0.24 -12.73
C CYS B 255 -14.46 1.26 -12.79
N PHE B 256 -14.21 2.54 -13.11
CA PHE B 256 -15.35 3.49 -13.18
C PHE B 256 -16.23 3.23 -14.39
N GLN B 257 -17.49 3.64 -14.31
CA GLN B 257 -18.42 3.37 -15.39
C GLN B 257 -19.14 4.63 -15.73
N GLU B 258 -19.97 4.58 -16.76
CA GLU B 258 -20.79 5.73 -17.12
C GLU B 258 -21.91 5.83 -16.07
N ARG B 259 -22.37 7.05 -15.84
CA ARG B 259 -23.47 7.37 -14.93
C ARG B 259 -24.77 6.83 -15.54
N SER B 260 -25.56 6.15 -14.72
CA SER B 260 -26.87 5.63 -15.12
C SER B 260 -27.89 6.77 -15.07
N ASN B 261 -28.84 6.76 -16.03
CA ASN B 261 -29.96 7.70 -16.26
C ASN B 261 -29.56 8.92 -17.09
N1 Z93 C . 9.02 1.06 -1.16
C2 Z93 C . 8.51 2.33 -1.13
C3 Z93 C . 9.63 3.37 -1.44
N4 Z93 C . 10.72 2.42 -1.71
C5 Z93 C . 10.34 1.04 -1.52
O6 Z93 C . 11.00 -0.01 -1.65
O7 Z93 C . 7.35 2.63 -0.85
C8 Z93 C . 9.33 4.10 -2.73
C9 Z93 C . 9.84 5.41 -2.97
C10 Z93 C . 9.54 6.09 -4.15
C11 Z93 C . 8.71 5.50 -5.15
C12 Z93 C . 8.17 4.20 -4.93
C13 Z93 C . 8.48 3.50 -3.74
C14 Z93 C . 8.41 6.22 -6.41
C15 Z93 C . 7.28 5.90 -7.24
C16 Z93 C . 7.00 6.61 -8.42
C17 Z93 C . 7.85 7.65 -8.77
N18 Z93 C . 8.95 8.03 -8.03
C19 Z93 C . 9.19 7.30 -6.87
N20 Z93 C . 10.14 3.38 0.98
C21 Z93 C . 9.14 2.62 1.76
C22 Z93 C . 11.48 3.03 1.25
C23 Z93 C . 9.80 4.28 -0.13
C24 Z93 C . 11.43 1.99 2.31
C25 Z93 C . 10.03 1.76 2.60
C26 Z93 C . 9.64 0.85 3.58
C27 Z93 C . 10.67 0.15 4.25
C28 Z93 C . 12.07 0.37 3.97
C29 Z93 C . 12.48 1.31 2.99
O30 Z93 C . 12.48 3.50 0.75
O31 Z93 C . 13.11 -0.25 4.68
C32 Z93 C . 12.75 -1.21 5.71
ZN ZN D . 8.47 -0.86 -0.52
C1 IPA E . -6.51 2.05 9.55
C2 IPA E . -7.26 1.04 8.69
C3 IPA E . -7.86 -0.04 9.61
O2 IPA E . -8.25 1.73 7.85
N1 Z93 F . -11.01 8.27 10.27
C2 Z93 F . -10.63 8.17 11.58
C3 Z93 F . -11.61 7.17 12.34
N4 Z93 F . -12.42 6.75 11.22
C5 Z93 F . -12.06 7.42 10.02
O6 Z93 F . -12.56 7.28 8.92
O7 Z93 F . -9.76 8.82 12.13
C8 Z93 F . -10.81 6.02 12.89
C9 Z93 F . -11.28 5.37 14.03
C10 Z93 F . -10.59 4.35 14.65
C11 Z93 F . -9.36 3.90 14.17
C12 Z93 F . -8.84 4.52 13.00
C13 Z93 F . -9.56 5.59 12.37
C14 Z93 F . -8.66 2.78 14.87
C15 Z93 F . -7.30 2.43 14.60
C16 Z93 F . -6.64 1.37 15.28
C17 Z93 F . -7.39 0.67 16.24
N18 Z93 F . -8.70 0.95 16.55
C19 Z93 F . -9.31 1.99 15.86
N20 Z93 F . -13.13 9.17 12.70
C21 Z93 F . -12.55 10.49 12.28
C22 Z93 F . -14.41 8.98 12.24
C23 Z93 F . -12.39 8.09 13.42
C24 Z93 F . -14.76 10.19 11.47
C25 Z93 F . -13.67 11.06 11.48
C26 Z93 F . -13.76 12.28 10.84
C27 Z93 F . -14.95 12.59 10.13
C28 Z93 F . -16.05 11.68 10.13
C29 Z93 F . -15.96 10.47 10.81
O30 Z93 F . -15.13 8.01 12.42
O31 Z93 F . -17.30 11.94 9.58
C32 Z93 F . -17.43 13.19 8.92
ZN ZN G . -10.70 9.48 8.74
#